data_5Q1K
#
_entry.id   5Q1K
#
_cell.length_a   52.050
_cell.length_b   57.220
_cell.length_c   115.260
_cell.angle_alpha   90.000
_cell.angle_beta   90.000
_cell.angle_gamma   90.000
#
_symmetry.space_group_name_H-M   'P 21 21 21'
#
loop_
_entity.id
_entity.type
_entity.pdbx_description
1 polymer 'DNA cross-link repair 1A protein'
2 non-polymer 'MALONATE ION'
3 non-polymer 'NICKEL (II) ION'
4 non-polymer 2-[4-(1~{H}-pyrazol-3-yl)phenoxy]pyrimidine
5 water water
#
_entity_poly.entity_id   1
_entity_poly.type   'polypeptide(L)'
_entity_poly.pdbx_seq_one_letter_code
;KKTCPFYKKIPGTGFTVDAFQYGVVEGCTAYFLTHFHSDHYAGLSKHFTFPVYCSEITGNLLKNKLHVQEQYIHPLPLDT
ECIVNGVKVVLLDANHCPGAVMILFYLPNGTVILHTGDFRADPSMERSLLADQKVHMLYLDTTYCSPEYTFPSQQEVIRF
AINTAFEAVTLNPHALVVCGTYSIGKEKVFLAIADVLGSKVGMSQEKYKTLQCLNIPEINSLITTDMCSSLVHLLPMMQI
NFKGLQSHLKKCGGKYNQILAFRPTGWTHSNKFTRIADVIPQTKGNISIYGIPYSEHSSYLEMKRFVQWLKPQKIIPTVN
VGTWKSRSTMEKYFREWKLEAGY
;
_entity_poly.pdbx_strand_id   A
#
# COMPACT_ATOMS: atom_id res chain seq x y z
N THR A 3 2.52 14.59 -21.50
CA THR A 3 2.43 15.89 -20.75
C THR A 3 2.19 15.68 -19.25
N CYS A 4 3.17 16.05 -18.43
CA CYS A 4 3.08 15.88 -16.97
C CYS A 4 2.06 16.85 -16.34
N PRO A 5 1.08 16.33 -15.58
CA PRO A 5 0.05 17.21 -15.01
C PRO A 5 0.55 18.03 -13.81
N PHE A 6 -0.09 19.17 -13.60
CA PHE A 6 0.26 20.14 -12.52
C PHE A 6 0.37 19.52 -11.12
N TYR A 7 -0.53 18.58 -10.80
CA TYR A 7 -0.57 17.96 -9.47
C TYR A 7 0.60 16.99 -9.20
N LYS A 8 1.45 16.74 -10.20
CA LYS A 8 2.69 15.97 -10.01
C LYS A 8 3.95 16.84 -9.97
N LYS A 9 3.79 18.16 -10.02
CA LYS A 9 4.91 19.09 -10.00
C LYS A 9 4.93 19.83 -8.66
N ILE A 10 6.15 20.09 -8.16
CA ILE A 10 6.34 20.85 -6.90
C ILE A 10 6.87 22.26 -7.25
N PRO A 11 6.01 23.29 -7.10
CA PRO A 11 6.39 24.63 -7.60
C PRO A 11 7.55 25.23 -6.83
N GLY A 12 8.39 26.00 -7.53
CA GLY A 12 9.56 26.63 -6.93
C GLY A 12 10.72 25.68 -6.69
N THR A 13 10.64 24.48 -7.28
CA THR A 13 11.71 23.48 -7.22
C THR A 13 11.88 22.86 -8.61
N GLY A 14 12.94 22.07 -8.74
CA GLY A 14 13.10 21.17 -9.90
C GLY A 14 12.57 19.76 -9.68
N PHE A 15 11.54 19.61 -8.84
CA PHE A 15 11.09 18.26 -8.42
C PHE A 15 9.74 17.86 -9.02
N THR A 16 9.62 16.57 -9.37
CA THR A 16 8.32 15.93 -9.61
C THR A 16 8.13 14.74 -8.66
N VAL A 17 6.89 14.31 -8.53
CA VAL A 17 6.51 13.17 -7.67
C VAL A 17 5.67 12.18 -8.50
N ASP A 18 6.14 10.93 -8.56
CA ASP A 18 5.45 9.83 -9.24
C ASP A 18 5.16 10.14 -10.73
N ALA A 19 6.19 10.64 -11.41
CA ALA A 19 6.06 11.20 -12.77
C ALA A 19 7.10 10.59 -13.72
N PHE A 20 6.96 9.29 -13.98
CA PHE A 20 7.93 8.55 -14.79
C PHE A 20 7.42 8.14 -16.18
N GLN A 21 6.18 8.48 -16.51
CA GLN A 21 5.52 8.02 -17.76
C GLN A 21 5.36 9.13 -18.81
N TYR A 22 6.02 10.27 -18.61
CA TYR A 22 5.87 11.46 -19.44
C TYR A 22 7.14 11.83 -20.21
N GLY A 23 8.09 10.89 -20.32
CA GLY A 23 9.41 11.16 -20.91
C GLY A 23 10.22 12.07 -20.01
N VAL A 24 11.16 12.81 -20.62
CA VAL A 24 11.98 13.77 -19.91
C VAL A 24 11.09 14.98 -19.56
N VAL A 25 10.90 15.25 -18.27
CA VAL A 25 10.04 16.37 -17.85
C VAL A 25 10.90 17.64 -17.84
N GLU A 26 10.45 18.68 -18.56
CA GLU A 26 11.24 19.92 -18.70
C GLU A 26 11.49 20.59 -17.34
N GLY A 27 12.77 20.74 -17.00
CA GLY A 27 13.19 21.38 -15.75
C GLY A 27 13.34 20.46 -14.54
N CYS A 28 13.00 19.17 -14.69
CA CYS A 28 13.07 18.25 -13.55
C CYS A 28 14.51 17.77 -13.33
N THR A 29 15.07 18.12 -12.17
CA THR A 29 16.42 17.73 -11.76
C THR A 29 16.45 16.52 -10.80
N ALA A 30 15.29 16.18 -10.22
CA ALA A 30 15.16 15.03 -9.32
C ALA A 30 13.73 14.52 -9.37
N TYR A 31 13.58 13.21 -9.55
CA TYR A 31 12.30 12.53 -9.61
C TYR A 31 12.10 11.73 -8.30
N PHE A 32 11.09 12.11 -7.52
CA PHE A 32 10.75 11.38 -6.29
C PHE A 32 9.75 10.25 -6.63
N LEU A 33 9.91 9.10 -5.96
CA LEU A 33 8.98 7.99 -6.06
C LEU A 33 8.47 7.64 -4.65
N THR A 34 7.18 7.82 -4.43
CA THR A 34 6.60 7.63 -3.08
C THR A 34 6.54 6.15 -2.65
N HIS A 35 6.29 5.25 -3.60
CA HIS A 35 6.14 3.81 -3.29
C HIS A 35 6.14 2.97 -4.55
N PHE A 36 6.38 1.66 -4.37
CA PHE A 36 6.47 0.71 -5.49
C PHE A 36 5.10 0.07 -5.84
N HIS A 37 4.17 0.90 -6.34
CA HIS A 37 2.93 0.44 -7.00
C HIS A 37 2.95 0.91 -8.45
N SER A 38 2.45 0.05 -9.35
CA SER A 38 2.70 0.21 -10.79
C SER A 38 2.14 1.50 -11.41
N ASP A 39 0.98 1.98 -10.93
CA ASP A 39 0.44 3.27 -11.46
C ASP A 39 1.39 4.44 -11.12
N HIS A 40 2.18 4.31 -10.05
CA HIS A 40 3.12 5.36 -9.61
C HIS A 40 4.51 5.25 -10.24
N TYR A 41 5.03 4.03 -10.42
CA TYR A 41 6.34 3.84 -11.08
C TYR A 41 6.31 3.72 -12.61
N ALA A 42 5.12 3.66 -13.19
CA ALA A 42 4.91 3.49 -14.64
C ALA A 42 5.91 4.30 -15.44
N GLY A 43 6.73 3.61 -16.25
CA GLY A 43 7.76 4.22 -17.08
C GLY A 43 9.22 3.96 -16.69
N LEU A 44 9.48 3.70 -15.40
CA LEU A 44 10.84 3.35 -14.92
C LEU A 44 11.37 2.02 -15.46
N SER A 45 12.66 1.99 -15.80
CA SER A 45 13.36 0.80 -16.34
C SER A 45 14.89 0.91 -16.18
N LYS A 46 15.61 -0.13 -16.64
CA LYS A 46 17.09 -0.12 -16.62
C LYS A 46 17.76 0.98 -17.47
N HIS A 47 16.99 1.63 -18.32
CA HIS A 47 17.50 2.72 -19.18
C HIS A 47 17.22 4.12 -18.63
N PHE A 48 16.61 4.23 -17.44
CA PHE A 48 16.37 5.53 -16.81
C PHE A 48 17.72 6.10 -16.36
N THR A 49 17.99 7.37 -16.69
CA THR A 49 19.29 8.01 -16.40
C THR A 49 19.22 9.37 -15.65
N PHE A 50 18.18 9.57 -14.85
CA PHE A 50 18.07 10.73 -13.94
C PHE A 50 18.01 10.25 -12.48
N PRO A 51 18.35 11.14 -11.51
CA PRO A 51 18.34 10.79 -10.09
C PRO A 51 16.91 10.48 -9.59
N VAL A 52 16.76 9.33 -8.92
CA VAL A 52 15.49 8.93 -8.31
C VAL A 52 15.67 8.93 -6.79
N TYR A 53 14.80 9.67 -6.09
CA TYR A 53 14.82 9.74 -4.62
C TYR A 53 13.63 8.97 -4.05
N CYS A 54 13.90 8.16 -3.03
CA CYS A 54 12.92 7.20 -2.51
C CYS A 54 13.40 6.60 -1.17
N SER A 55 12.57 5.76 -0.55
CA SER A 55 12.98 4.99 0.63
C SER A 55 13.99 3.88 0.27
N GLU A 56 14.65 3.32 1.29
CA GLU A 56 15.54 2.17 1.11
C GLU A 56 14.81 0.97 0.47
N ILE A 57 13.62 0.64 1.00
CA ILE A 57 12.85 -0.50 0.47
C ILE A 57 12.44 -0.29 -0.99
N THR A 58 11.95 0.91 -1.32
CA THR A 58 11.62 1.21 -2.72
C THR A 58 12.87 1.07 -3.60
N GLY A 59 14.00 1.55 -3.11
CA GLY A 59 15.27 1.42 -3.83
C GLY A 59 15.68 -0.03 -4.09
N ASN A 60 15.47 -0.93 -3.11
CA ASN A 60 15.75 -2.36 -3.29
C ASN A 60 14.92 -2.94 -4.43
N LEU A 61 13.63 -2.55 -4.49
CA LEU A 61 12.72 -3.02 -5.53
C LEU A 61 13.09 -2.46 -6.92
N LEU A 62 13.43 -1.18 -6.98
CA LEU A 62 13.94 -0.59 -8.24
C LEU A 62 15.17 -1.35 -8.79
N LYS A 63 16.13 -1.64 -7.92
CA LYS A 63 17.37 -2.32 -8.31
C LYS A 63 17.11 -3.75 -8.81
N ASN A 64 16.31 -4.51 -8.07
CA ASN A 64 16.17 -5.95 -8.31
C ASN A 64 15.02 -6.37 -9.23
N LYS A 65 13.90 -5.65 -9.15
CA LYS A 65 12.72 -5.98 -9.97
C LYS A 65 12.66 -5.21 -11.30
N LEU A 66 12.99 -3.92 -11.29
CA LEU A 66 13.01 -3.09 -12.52
C LEU A 66 14.40 -2.91 -13.16
N HIS A 67 15.46 -3.32 -12.45
N HIS A 67 15.45 -3.33 -12.46
CA HIS A 67 16.87 -3.24 -12.90
CA HIS A 67 16.80 -3.33 -13.01
C HIS A 67 17.38 -1.86 -13.22
C HIS A 67 17.37 -1.90 -13.23
N VAL A 68 16.92 -0.90 -12.44
CA VAL A 68 17.42 0.47 -12.50
C VAL A 68 18.88 0.45 -12.02
N GLN A 69 19.77 1.17 -12.68
CA GLN A 69 21.19 1.14 -12.30
C GLN A 69 21.40 1.83 -10.96
N GLU A 70 22.32 1.27 -10.19
CA GLU A 70 22.60 1.69 -8.81
C GLU A 70 23.00 3.17 -8.70
N GLN A 71 23.74 3.67 -9.69
CA GLN A 71 24.20 5.07 -9.72
C GLN A 71 23.08 6.12 -9.73
N TYR A 72 21.88 5.75 -10.18
CA TYR A 72 20.71 6.65 -10.20
C TYR A 72 19.73 6.48 -9.01
N ILE A 73 19.97 5.52 -8.13
CA ILE A 73 19.07 5.28 -6.97
C ILE A 73 19.61 6.00 -5.73
N HIS A 74 18.82 6.94 -5.19
CA HIS A 74 19.17 7.74 -4.01
C HIS A 74 18.23 7.44 -2.84
N PRO A 75 18.52 6.37 -2.07
CA PRO A 75 17.67 6.09 -0.90
C PRO A 75 17.91 7.11 0.22
N LEU A 76 16.83 7.54 0.89
CA LEU A 76 16.92 8.44 2.05
C LEU A 76 16.33 7.77 3.29
N PRO A 77 16.97 7.98 4.47
CA PRO A 77 16.37 7.48 5.70
C PRO A 77 15.09 8.25 6.03
N LEU A 78 14.20 7.64 6.82
CA LEU A 78 13.01 8.30 7.34
C LEU A 78 13.32 9.24 8.50
N ASP A 79 12.42 10.19 8.72
CA ASP A 79 12.41 11.07 9.90
C ASP A 79 13.68 11.88 10.07
N THR A 80 14.32 12.22 8.96
CA THR A 80 15.66 12.85 8.93
C THR A 80 15.70 14.00 7.92
N GLU A 81 16.12 15.18 8.36
CA GLU A 81 16.26 16.33 7.45
C GLU A 81 17.41 16.07 6.48
N CYS A 82 17.11 16.12 5.17
CA CYS A 82 18.09 15.89 4.10
C CYS A 82 18.06 17.07 3.12
N ILE A 83 19.20 17.45 2.56
CA ILE A 83 19.22 18.49 1.51
C ILE A 83 19.39 17.81 0.15
N VAL A 84 18.42 18.06 -0.74
CA VAL A 84 18.44 17.54 -2.11
C VAL A 84 18.43 18.72 -3.08
N ASN A 85 19.47 18.83 -3.91
CA ASN A 85 19.56 19.92 -4.90
C ASN A 85 19.19 21.28 -4.30
N GLY A 86 19.75 21.55 -3.12
CA GLY A 86 19.58 22.82 -2.43
C GLY A 86 18.30 23.04 -1.63
N VAL A 87 17.47 22.00 -1.48
CA VAL A 87 16.16 22.10 -0.81
C VAL A 87 16.07 21.06 0.32
N LYS A 88 15.65 21.49 1.51
CA LYS A 88 15.42 20.59 2.66
C LYS A 88 14.15 19.76 2.42
N VAL A 89 14.30 18.45 2.60
CA VAL A 89 13.19 17.47 2.50
C VAL A 89 13.25 16.48 3.67
N VAL A 90 12.08 15.91 4.01
CA VAL A 90 11.96 14.83 5.01
C VAL A 90 11.01 13.77 4.42
N LEU A 91 11.39 12.49 4.57
CA LEU A 91 10.49 11.36 4.28
C LEU A 91 9.84 10.84 5.57
N LEU A 92 8.53 10.61 5.53
CA LEU A 92 7.74 10.10 6.68
C LEU A 92 7.03 8.80 6.29
N ASP A 93 6.89 7.87 7.21
CA ASP A 93 6.14 6.63 6.91
C ASP A 93 4.66 6.97 6.55
N ALA A 94 4.18 6.41 5.44
CA ALA A 94 2.82 6.67 4.94
C ALA A 94 1.76 5.69 5.45
N ASN A 95 2.17 4.67 6.20
CA ASN A 95 1.21 3.61 6.64
C ASN A 95 0.40 3.09 5.43
N HIS A 96 1.11 2.80 4.33
CA HIS A 96 0.51 2.24 3.11
C HIS A 96 1.11 0.83 2.94
N CYS A 97 1.89 0.58 1.88
CA CYS A 97 2.60 -0.67 1.67
C CYS A 97 4.07 -0.54 2.15
N PRO A 98 4.84 -1.65 2.16
CA PRO A 98 6.25 -1.52 2.58
C PRO A 98 7.03 -0.50 1.74
N GLY A 99 7.80 0.36 2.40
CA GLY A 99 8.62 1.37 1.72
C GLY A 99 7.90 2.65 1.30
N ALA A 100 6.58 2.72 1.54
CA ALA A 100 5.80 3.89 1.13
C ALA A 100 6.05 5.07 2.05
N VAL A 101 6.20 6.25 1.44
CA VAL A 101 6.49 7.50 2.18
C VAL A 101 5.58 8.66 1.77
N MET A 102 5.43 9.59 2.72
CA MET A 102 5.01 10.96 2.47
C MET A 102 6.29 11.81 2.40
N ILE A 103 6.23 12.94 1.68
CA ILE A 103 7.38 13.83 1.52
C ILE A 103 7.02 15.27 1.99
N LEU A 104 7.84 15.81 2.90
CA LEU A 104 7.73 17.21 3.33
C LEU A 104 8.81 18.01 2.58
N PHE A 105 8.40 19.07 1.87
CA PHE A 105 9.32 19.94 1.15
C PHE A 105 9.33 21.34 1.81
N TYR A 106 10.52 21.84 2.11
CA TYR A 106 10.69 23.17 2.74
C TYR A 106 11.20 24.10 1.64
N LEU A 107 10.29 24.82 0.98
CA LEU A 107 10.65 25.61 -0.20
C LEU A 107 11.56 26.78 0.18
N PRO A 108 12.45 27.20 -0.75
CA PRO A 108 13.31 28.33 -0.46
C PRO A 108 12.58 29.62 -0.05
N ASN A 109 11.38 29.85 -0.58
CA ASN A 109 10.59 31.04 -0.20
C ASN A 109 9.88 30.98 1.17
N GLY A 110 9.97 29.87 1.91
CA GLY A 110 9.35 29.74 3.26
C GLY A 110 8.06 28.92 3.28
N THR A 111 7.55 28.59 2.12
CA THR A 111 6.37 27.72 2.00
C THR A 111 6.76 26.29 2.38
N VAL A 112 5.82 25.56 2.99
CA VAL A 112 6.00 24.15 3.36
C VAL A 112 4.89 23.34 2.68
N ILE A 113 5.30 22.29 1.95
CA ILE A 113 4.38 21.41 1.22
C ILE A 113 4.48 19.97 1.77
N LEU A 114 3.33 19.34 2.05
CA LEU A 114 3.29 17.89 2.32
C LEU A 114 2.61 17.16 1.16
N HIS A 115 3.33 16.17 0.62
CA HIS A 115 2.79 15.25 -0.39
C HIS A 115 2.58 13.89 0.29
N THR A 116 1.33 13.46 0.44
CA THR A 116 1.07 12.22 1.17
C THR A 116 1.42 10.93 0.42
N GLY A 117 1.71 11.00 -0.89
CA GLY A 117 1.70 9.80 -1.72
C GLY A 117 0.37 9.09 -1.53
N ASP A 118 0.40 7.76 -1.51
CA ASP A 118 -0.75 6.98 -1.01
C ASP A 118 -0.54 6.79 0.51
N PHE A 119 -1.59 6.94 1.31
CA PHE A 119 -1.47 6.79 2.78
C PHE A 119 -2.75 6.30 3.43
N ARG A 120 -2.61 5.68 4.61
CA ARG A 120 -3.75 5.46 5.50
C ARG A 120 -3.51 6.33 6.77
N ALA A 121 -4.22 7.46 6.84
CA ALA A 121 -4.09 8.40 7.93
C ALA A 121 -4.27 7.71 9.28
N ASP A 122 -3.44 8.09 10.26
CA ASP A 122 -3.53 7.54 11.62
C ASP A 122 -3.23 8.65 12.64
N PRO A 123 -3.87 8.58 13.85
CA PRO A 123 -3.55 9.59 14.89
C PRO A 123 -2.06 9.67 15.27
N SER A 124 -1.30 8.58 15.10
CA SER A 124 0.15 8.60 15.36
C SER A 124 0.92 9.61 14.51
N MET A 125 0.39 9.97 13.34
CA MET A 125 1.00 10.99 12.48
C MET A 125 0.96 12.40 13.10
N GLU A 126 0.05 12.62 14.05
CA GLU A 126 -0.09 13.89 14.76
C GLU A 126 1.09 14.11 15.75
N ARG A 127 1.93 13.07 15.98
CA ARG A 127 3.16 13.19 16.80
C ARG A 127 4.44 12.85 16.03
N SER A 128 4.38 13.01 14.73
CA SER A 128 5.56 12.90 13.88
C SER A 128 6.20 14.29 13.81
N LEU A 129 7.24 14.42 12.97
CA LEU A 129 7.80 15.74 12.60
C LEU A 129 6.78 16.74 11.99
N LEU A 130 5.60 16.30 11.57
CA LEU A 130 4.51 17.22 11.18
C LEU A 130 4.03 18.16 12.27
N ALA A 131 4.21 17.78 13.54
CA ALA A 131 3.79 18.62 14.67
C ALA A 131 4.56 19.96 14.74
N ASP A 132 5.80 19.95 14.25
CA ASP A 132 6.79 21.05 14.40
C ASP A 132 6.55 22.38 13.71
N GLN A 133 5.77 22.38 12.62
CA GLN A 133 5.57 23.59 11.81
C GLN A 133 4.29 23.56 10.99
N LYS A 134 3.94 24.75 10.50
CA LYS A 134 2.79 24.97 9.65
C LYS A 134 3.02 24.37 8.25
N VAL A 135 1.97 23.78 7.68
CA VAL A 135 1.98 23.24 6.31
C VAL A 135 1.00 24.04 5.46
N HIS A 136 1.50 24.67 4.41
CA HIS A 136 0.68 25.56 3.57
C HIS A 136 -0.11 24.84 2.51
N MET A 137 0.53 23.86 1.84
CA MET A 137 -0.13 23.12 0.76
C MET A 137 -0.05 21.62 1.00
N LEU A 138 -1.17 20.93 0.76
CA LEU A 138 -1.28 19.46 0.96
C LEU A 138 -1.70 18.78 -0.34
N TYR A 139 -0.84 17.89 -0.85
CA TYR A 139 -1.16 17.05 -2.02
C TYR A 139 -1.66 15.74 -1.45
N LEU A 140 -2.98 15.52 -1.53
CA LEU A 140 -3.70 14.52 -0.70
C LEU A 140 -4.20 13.30 -1.46
N ASP A 141 -3.94 12.10 -0.91
CA ASP A 141 -4.53 10.82 -1.41
C ASP A 141 -6.01 10.83 -1.01
N THR A 142 -6.86 11.14 -2.01
CA THR A 142 -8.30 11.26 -1.87
C THR A 142 -9.07 10.00 -2.37
N THR A 143 -8.42 8.82 -2.40
CA THR A 143 -9.03 7.58 -2.91
C THR A 143 -10.47 7.37 -2.40
N TYR A 144 -10.66 7.47 -1.07
CA TYR A 144 -11.95 7.22 -0.42
C TYR A 144 -12.58 8.50 0.22
N CYS A 145 -12.50 9.62 -0.51
CA CYS A 145 -13.04 10.89 -0.01
C CYS A 145 -14.56 11.02 -0.28
N SER A 146 -15.34 10.20 0.42
CA SER A 146 -16.81 10.26 0.43
C SER A 146 -17.30 9.44 1.64
N PRO A 147 -18.35 9.93 2.34
CA PRO A 147 -18.73 9.31 3.62
C PRO A 147 -19.21 7.87 3.59
N GLU A 148 -19.61 7.37 2.43
CA GLU A 148 -19.98 5.95 2.29
C GLU A 148 -18.82 4.99 2.47
N TYR A 149 -17.60 5.50 2.30
CA TYR A 149 -16.42 4.67 2.39
C TYR A 149 -16.05 4.47 3.86
N THR A 150 -16.61 3.39 4.39
CA THR A 150 -16.35 2.89 5.72
C THR A 150 -15.73 1.49 5.60
N PHE A 151 -14.82 1.20 6.52
CA PHE A 151 -14.27 -0.15 6.70
C PHE A 151 -13.62 -0.26 8.10
N PRO A 152 -13.38 -1.49 8.58
CA PRO A 152 -12.83 -1.69 9.94
C PRO A 152 -11.34 -1.38 10.06
N SER A 153 -10.82 -1.40 11.28
CA SER A 153 -9.38 -1.33 11.48
C SER A 153 -8.69 -2.55 10.86
N GLN A 154 -7.43 -2.39 10.48
CA GLN A 154 -6.62 -3.52 10.03
C GLN A 154 -6.54 -4.64 11.09
N GLN A 155 -6.43 -4.25 12.36
CA GLN A 155 -6.36 -5.21 13.47
C GLN A 155 -7.62 -6.09 13.53
N GLU A 156 -8.81 -5.48 13.39
CA GLU A 156 -10.10 -6.22 13.42
C GLU A 156 -10.18 -7.20 12.24
N VAL A 157 -9.71 -6.78 11.07
CA VAL A 157 -9.78 -7.62 9.87
C VAL A 157 -8.84 -8.82 10.01
N ILE A 158 -7.64 -8.59 10.55
CA ILE A 158 -6.67 -9.68 10.78
C ILE A 158 -7.19 -10.68 11.84
N ARG A 159 -7.81 -10.17 12.90
CA ARG A 159 -8.45 -11.05 13.91
C ARG A 159 -9.46 -12.01 13.23
N PHE A 160 -10.32 -11.46 12.37
CA PHE A 160 -11.28 -12.28 11.63
C PHE A 160 -10.60 -13.36 10.77
N ALA A 161 -9.55 -12.96 10.05
CA ALA A 161 -8.86 -13.89 9.16
C ALA A 161 -8.14 -15.04 9.91
N ILE A 162 -7.39 -14.69 10.98
CA ILE A 162 -6.73 -15.68 11.86
C ILE A 162 -7.75 -16.68 12.42
N ASN A 163 -8.84 -16.16 12.98
CA ASN A 163 -9.84 -17.01 13.68
C ASN A 163 -10.55 -17.94 12.68
N THR A 164 -10.90 -17.40 11.52
CA THR A 164 -11.53 -18.17 10.43
C THR A 164 -10.62 -19.31 9.94
N ALA A 165 -9.36 -19.00 9.66
CA ALA A 165 -8.40 -19.98 9.16
C ALA A 165 -8.10 -21.08 10.20
N PHE A 166 -7.86 -20.65 11.43
CA PHE A 166 -7.55 -21.62 12.49
C PHE A 166 -8.72 -22.57 12.75
N GLU A 167 -9.94 -22.05 12.80
CA GLU A 167 -11.13 -22.91 12.96
C GLU A 167 -11.22 -23.96 11.85
N ALA A 168 -11.10 -23.51 10.60
CA ALA A 168 -11.27 -24.38 9.43
C ALA A 168 -10.25 -25.52 9.36
N VAL A 169 -8.99 -25.21 9.63
CA VAL A 169 -7.92 -26.18 9.53
C VAL A 169 -7.89 -27.12 10.75
N THR A 170 -8.35 -26.65 11.92
CA THR A 170 -8.45 -27.52 13.12
C THR A 170 -9.61 -28.52 12.93
N LEU A 171 -10.71 -28.07 12.31
CA LEU A 171 -11.81 -28.99 11.96
C LEU A 171 -11.37 -30.00 10.89
N ASN A 172 -10.64 -29.52 9.86
CA ASN A 172 -10.14 -30.36 8.76
C ASN A 172 -8.65 -30.14 8.50
N PRO A 173 -7.78 -30.99 9.11
CA PRO A 173 -6.33 -30.85 8.89
C PRO A 173 -5.86 -31.00 7.43
N HIS A 174 -6.71 -31.55 6.55
CA HIS A 174 -6.44 -31.61 5.11
C HIS A 174 -6.99 -30.44 4.28
N ALA A 175 -7.35 -29.33 4.92
CA ALA A 175 -7.71 -28.11 4.20
C ALA A 175 -6.46 -27.28 3.86
N LEU A 176 -6.45 -26.68 2.68
CA LEU A 176 -5.40 -25.72 2.23
C LEU A 176 -5.93 -24.30 2.31
N VAL A 177 -5.11 -23.37 2.79
CA VAL A 177 -5.46 -21.94 2.78
C VAL A 177 -4.74 -21.27 1.61
N VAL A 178 -5.47 -20.49 0.82
CA VAL A 178 -4.90 -19.70 -0.29
C VAL A 178 -5.19 -18.20 -0.10
N CYS A 179 -4.19 -17.36 -0.37
N CYS A 179 -4.19 -17.36 -0.32
CA CYS A 179 -4.35 -15.90 -0.30
CA CYS A 179 -4.37 -15.91 -0.30
C CYS A 179 -3.94 -15.24 -1.61
C CYS A 179 -4.05 -15.39 -1.70
N GLY A 180 -4.81 -14.40 -2.15
CA GLY A 180 -4.53 -13.64 -3.40
C GLY A 180 -3.66 -12.40 -3.20
N THR A 181 -2.79 -12.12 -4.19
CA THR A 181 -1.93 -10.91 -4.23
C THR A 181 -1.72 -10.45 -5.70
N TYR A 182 -1.54 -9.15 -5.92
CA TYR A 182 -1.13 -8.61 -7.26
C TYR A 182 -0.11 -7.45 -7.22
N SER A 183 0.40 -7.19 -6.04
CA SER A 183 1.31 -6.10 -5.77
C SER A 183 1.85 -6.28 -4.35
N ILE A 184 2.83 -5.48 -3.98
CA ILE A 184 3.23 -5.40 -2.57
C ILE A 184 2.11 -4.68 -1.78
N GLY A 185 2.18 -4.86 -0.47
CA GLY A 185 1.15 -4.45 0.46
C GLY A 185 0.30 -5.61 0.97
N LYS A 186 -0.28 -5.42 2.16
CA LYS A 186 -1.22 -6.37 2.76
C LYS A 186 -0.56 -7.71 3.16
N GLU A 187 0.77 -7.68 3.35
CA GLU A 187 1.51 -8.88 3.72
C GLU A 187 1.04 -9.48 5.06
N LYS A 188 0.53 -8.62 5.98
CA LYS A 188 0.05 -9.12 7.28
C LYS A 188 -1.03 -10.20 7.15
N VAL A 189 -1.84 -10.12 6.10
CA VAL A 189 -2.93 -11.10 5.90
C VAL A 189 -2.37 -12.53 5.86
N PHE A 190 -1.43 -12.78 4.94
CA PHE A 190 -0.92 -14.14 4.77
C PHE A 190 0.09 -14.51 5.87
N LEU A 191 0.87 -13.54 6.33
CA LEU A 191 1.85 -13.82 7.40
C LEU A 191 1.18 -14.19 8.74
N ALA A 192 0.11 -13.47 9.10
CA ALA A 192 -0.61 -13.76 10.34
C ALA A 192 -1.33 -15.11 10.31
N ILE A 193 -1.91 -15.45 9.17
CA ILE A 193 -2.55 -16.77 9.02
C ILE A 193 -1.51 -17.89 9.11
N ALA A 194 -0.40 -17.77 8.38
CA ALA A 194 0.63 -18.82 8.42
C ALA A 194 1.21 -19.02 9.84
N ASP A 195 1.38 -17.91 10.55
CA ASP A 195 1.91 -17.95 11.94
C ASP A 195 0.98 -18.75 12.89
N VAL A 196 -0.33 -18.53 12.80
CA VAL A 196 -1.28 -19.26 13.67
C VAL A 196 -1.36 -20.76 13.32
N LEU A 197 -1.11 -21.10 12.06
CA LEU A 197 -1.14 -22.48 11.60
C LEU A 197 0.22 -23.21 11.70
N GLY A 198 1.28 -22.52 12.13
CA GLY A 198 2.60 -23.14 12.23
C GLY A 198 3.22 -23.54 10.91
N SER A 199 2.97 -22.73 9.87
CA SER A 199 3.39 -23.03 8.51
C SER A 199 4.20 -21.86 7.97
N LYS A 200 5.08 -22.14 7.01
CA LYS A 200 5.62 -21.08 6.13
C LYS A 200 4.61 -20.80 5.00
N VAL A 201 4.75 -19.66 4.36
CA VAL A 201 3.91 -19.28 3.20
C VAL A 201 4.63 -19.68 1.92
N GLY A 202 4.01 -20.54 1.11
CA GLY A 202 4.55 -20.96 -0.19
C GLY A 202 4.13 -20.05 -1.33
N MET A 203 5.04 -19.80 -2.27
CA MET A 203 4.78 -18.86 -3.37
C MET A 203 5.75 -19.09 -4.53
N SER A 204 5.46 -18.45 -5.67
CA SER A 204 6.36 -18.47 -6.84
C SER A 204 7.75 -17.88 -6.56
N GLN A 205 8.72 -18.23 -7.39
CA GLN A 205 10.04 -17.61 -7.32
C GLN A 205 9.97 -16.09 -7.49
N GLU A 206 9.12 -15.62 -8.39
CA GLU A 206 8.97 -14.17 -8.63
C GLU A 206 8.40 -13.42 -7.41
N LYS A 207 7.39 -13.97 -6.74
CA LYS A 207 6.84 -13.33 -5.53
C LYS A 207 7.84 -13.42 -4.35
N TYR A 208 8.53 -14.56 -4.25
CA TYR A 208 9.59 -14.71 -3.23
C TYR A 208 10.65 -13.62 -3.37
N LYS A 209 11.13 -13.40 -4.60
CA LYS A 209 12.09 -12.32 -4.89
C LYS A 209 11.59 -10.96 -4.40
N THR A 210 10.34 -10.64 -4.70
CA THR A 210 9.74 -9.35 -4.29
C THR A 210 9.76 -9.20 -2.75
N LEU A 211 9.31 -10.22 -2.04
CA LEU A 211 9.29 -10.19 -0.58
C LEU A 211 10.68 -10.10 0.05
N GLN A 212 11.68 -10.71 -0.60
CA GLN A 212 13.09 -10.62 -0.14
C GLN A 212 13.68 -9.19 -0.20
N CYS A 213 13.00 -8.23 -0.84
N CYS A 213 13.25 -8.47 -1.24
CA CYS A 213 13.40 -6.79 -0.80
CA CYS A 213 13.68 -7.10 -1.54
C CYS A 213 12.79 -5.88 0.29
C CYS A 213 13.29 -6.19 -0.39
N LEU A 214 11.91 -6.42 1.14
N LEU A 214 12.25 -6.60 0.36
CA LEU A 214 11.07 -5.58 1.99
CA LEU A 214 11.84 -5.87 1.55
C LEU A 214 11.56 -5.33 3.45
C LEU A 214 12.90 -5.88 2.68
N ASN A 215 12.76 -5.82 3.80
N ASN A 215 13.85 -6.83 2.68
CA ASN A 215 13.30 -5.65 5.18
CA ASN A 215 15.01 -6.78 3.61
C ASN A 215 12.33 -6.06 6.30
C ASN A 215 14.61 -6.99 5.10
N ILE A 216 11.56 -7.12 6.06
N ILE A 216 13.69 -7.92 5.37
CA ILE A 216 10.72 -7.70 7.10
CA ILE A 216 13.17 -8.06 6.75
C ILE A 216 11.62 -8.53 8.02
C ILE A 216 13.16 -9.53 7.27
N PRO A 217 11.61 -8.25 9.34
N PRO A 217 13.94 -9.84 8.34
CA PRO A 217 12.45 -9.02 10.29
CA PRO A 217 14.04 -11.23 8.87
C PRO A 217 12.17 -10.51 10.27
C PRO A 217 12.71 -11.92 9.18
N GLU A 218 13.24 -11.31 10.29
N GLU A 218 11.80 -11.14 9.76
CA GLU A 218 13.17 -12.78 10.32
CA GLU A 218 10.45 -11.56 10.11
C GLU A 218 12.40 -13.40 9.12
C GLU A 218 9.73 -12.23 8.93
N ILE A 219 12.43 -12.73 7.96
N ILE A 219 9.71 -11.54 7.79
CA ILE A 219 11.65 -13.18 6.79
CA ILE A 219 9.09 -12.06 6.56
C ILE A 219 11.98 -14.62 6.33
C ILE A 219 9.91 -13.22 5.98
N ASN A 220 13.24 -15.03 6.44
N ASN A 220 11.23 -13.06 5.91
CA ASN A 220 13.65 -16.39 6.02
CA ASN A 220 12.14 -14.09 5.38
C ASN A 220 12.93 -17.51 6.80
C ASN A 220 12.02 -15.46 6.07
N SER A 221 12.48 -17.19 8.01
N SER A 221 11.85 -15.45 7.39
CA SER A 221 11.70 -18.12 8.84
CA SER A 221 11.72 -16.68 8.17
C SER A 221 10.21 -18.21 8.47
C SER A 221 10.37 -17.40 7.97
N LEU A 222 9.74 -17.34 7.56
N LEU A 222 9.36 -16.66 7.49
CA LEU A 222 8.31 -17.14 7.30
CA LEU A 222 8.02 -17.20 7.28
C LEU A 222 7.78 -17.48 5.90
C LEU A 222 7.72 -17.62 5.82
N ILE A 223 8.66 -17.48 4.89
CA ILE A 223 8.34 -17.71 3.46
C ILE A 223 9.21 -18.79 2.78
N THR A 224 8.68 -19.37 1.70
CA THR A 224 9.40 -20.44 0.97
C THR A 224 8.90 -20.58 -0.47
N THR A 225 9.77 -21.12 -1.33
CA THR A 225 9.38 -21.51 -2.69
C THR A 225 8.97 -23.00 -2.76
N ASP A 226 9.12 -23.73 -1.66
CA ASP A 226 8.72 -25.15 -1.61
C ASP A 226 7.24 -25.27 -1.25
N MET A 227 6.40 -25.34 -2.29
CA MET A 227 4.93 -25.38 -2.13
C MET A 227 4.46 -26.59 -1.30
N CYS A 228 5.12 -27.73 -1.51
CA CYS A 228 4.75 -28.99 -0.83
C CYS A 228 4.94 -28.96 0.69
N SER A 229 5.89 -28.17 1.18
CA SER A 229 6.14 -28.02 2.61
C SER A 229 5.13 -27.11 3.33
N SER A 230 4.35 -26.34 2.58
CA SER A 230 3.52 -25.25 3.12
C SER A 230 2.02 -25.54 2.99
N LEU A 231 1.22 -25.14 4.00
CA LEU A 231 -0.25 -25.21 3.90
C LEU A 231 -0.95 -23.84 3.82
N VAL A 232 -0.16 -22.80 3.57
CA VAL A 232 -0.69 -21.47 3.16
C VAL A 232 0.02 -21.14 1.85
N HIS A 233 -0.73 -21.03 0.76
CA HIS A 233 -0.16 -20.69 -0.57
C HIS A 233 -0.62 -19.31 -1.04
N LEU A 234 0.30 -18.57 -1.68
CA LEU A 234 -0.03 -17.33 -2.37
C LEU A 234 -0.19 -17.55 -3.86
N LEU A 235 -1.26 -17.00 -4.41
CA LEU A 235 -1.52 -17.05 -5.86
C LEU A 235 -1.86 -15.66 -6.38
N PRO A 236 -1.66 -15.43 -7.69
CA PRO A 236 -2.14 -14.19 -8.30
C PRO A 236 -3.63 -13.94 -8.02
N MET A 237 -3.99 -12.70 -7.74
CA MET A 237 -5.39 -12.31 -7.43
C MET A 237 -6.38 -12.80 -8.48
N MET A 238 -5.96 -12.80 -9.75
CA MET A 238 -6.77 -13.32 -10.86
C MET A 238 -7.21 -14.77 -10.77
N GLN A 239 -6.42 -15.59 -10.08
CA GLN A 239 -6.71 -17.00 -9.90
C GLN A 239 -7.66 -17.30 -8.72
N ILE A 240 -8.03 -16.27 -7.94
CA ILE A 240 -8.90 -16.49 -6.77
C ILE A 240 -10.39 -16.48 -7.20
N ASN A 241 -10.77 -17.62 -7.77
CA ASN A 241 -12.12 -17.88 -8.27
C ASN A 241 -12.29 -19.39 -8.33
N PHE A 242 -13.53 -19.88 -8.49
CA PHE A 242 -13.78 -21.32 -8.37
C PHE A 242 -12.98 -22.15 -9.40
N LYS A 243 -12.92 -21.71 -10.66
CA LYS A 243 -12.15 -22.41 -11.68
C LYS A 243 -10.65 -22.46 -11.36
N GLY A 244 -10.09 -21.30 -11.03
CA GLY A 244 -8.66 -21.19 -10.73
C GLY A 244 -8.23 -21.98 -9.50
N LEU A 245 -9.09 -22.03 -8.49
CA LEU A 245 -8.78 -22.75 -7.25
C LEU A 245 -8.95 -24.27 -7.41
N GLN A 246 -9.99 -24.70 -8.13
CA GLN A 246 -10.15 -26.10 -8.57
C GLN A 246 -8.89 -26.61 -9.26
N SER A 247 -8.37 -25.80 -10.18
CA SER A 247 -7.18 -26.12 -10.95
C SER A 247 -5.96 -26.27 -10.04
N HIS A 248 -5.79 -25.33 -9.11
CA HIS A 248 -4.69 -25.41 -8.16
C HIS A 248 -4.76 -26.66 -7.25
N LEU A 249 -5.95 -26.99 -6.79
CA LEU A 249 -6.17 -28.17 -5.93
C LEU A 249 -5.74 -29.47 -6.64
N LYS A 250 -6.07 -29.59 -7.93
CA LYS A 250 -5.60 -30.71 -8.75
C LYS A 250 -4.07 -30.88 -8.73
N LYS A 251 -3.34 -29.76 -8.80
CA LYS A 251 -1.86 -29.78 -8.79
C LYS A 251 -1.20 -30.25 -7.48
N CYS A 252 -1.95 -30.27 -6.37
CA CYS A 252 -1.39 -30.60 -5.05
C CYS A 252 -1.30 -32.11 -4.74
N GLY A 253 -1.68 -32.96 -5.70
CA GLY A 253 -1.40 -34.40 -5.64
C GLY A 253 -2.12 -35.16 -4.53
N GLY A 254 -3.39 -34.83 -4.32
CA GLY A 254 -4.20 -35.48 -3.28
C GLY A 254 -3.78 -35.23 -1.85
N LYS A 255 -3.01 -34.16 -1.62
CA LYS A 255 -2.57 -33.80 -0.28
C LYS A 255 -3.73 -33.11 0.47
N TYR A 256 -4.59 -32.41 -0.28
CA TYR A 256 -5.70 -31.65 0.29
C TYR A 256 -7.04 -32.00 -0.34
N ASN A 257 -8.11 -31.75 0.41
CA ASN A 257 -9.51 -32.05 -0.02
C ASN A 257 -10.49 -30.88 0.19
N GLN A 258 -9.96 -29.70 0.50
CA GLN A 258 -10.74 -28.47 0.76
C GLN A 258 -9.82 -27.27 0.57
N ILE A 259 -10.35 -26.17 0.02
CA ILE A 259 -9.65 -24.86 -0.01
C ILE A 259 -10.49 -23.79 0.70
N LEU A 260 -9.80 -23.03 1.57
CA LEU A 260 -10.30 -21.81 2.14
C LEU A 260 -9.44 -20.69 1.54
N ALA A 261 -10.05 -19.74 0.83
CA ALA A 261 -9.31 -18.66 0.15
C ALA A 261 -9.75 -17.25 0.60
N PHE A 262 -8.78 -16.34 0.61
CA PHE A 262 -8.98 -14.93 0.97
C PHE A 262 -8.61 -13.99 -0.19
N ARG A 263 -9.52 -13.06 -0.50
CA ARG A 263 -9.32 -11.94 -1.44
C ARG A 263 -9.35 -10.63 -0.66
N PRO A 264 -8.18 -10.06 -0.33
CA PRO A 264 -8.16 -8.78 0.39
C PRO A 264 -8.36 -7.66 -0.62
N THR A 265 -9.58 -7.18 -0.71
CA THR A 265 -9.93 -6.04 -1.52
C THR A 265 -9.72 -4.79 -0.67
N GLY A 266 -10.00 -3.63 -1.25
CA GLY A 266 -10.28 -2.44 -0.46
C GLY A 266 -11.77 -2.44 -0.14
N TRP A 267 -12.39 -1.28 -0.29
CA TRP A 267 -13.83 -1.16 -0.10
C TRP A 267 -14.59 -1.89 -1.20
N THR A 268 -15.72 -2.49 -0.79
CA THR A 268 -16.77 -2.98 -1.68
C THR A 268 -18.09 -2.62 -0.98
N HIS A 269 -19.11 -2.21 -1.73
CA HIS A 269 -20.47 -1.90 -1.18
C HIS A 269 -21.13 -3.00 -0.30
N SER A 270 -20.55 -4.19 -0.22
CA SER A 270 -20.81 -5.10 0.91
C SER A 270 -20.59 -4.43 2.30
N ASN A 271 -19.71 -3.41 2.34
CA ASN A 271 -19.38 -2.65 3.57
C ASN A 271 -20.53 -1.80 4.13
N LYS A 272 -21.43 -1.34 3.26
CA LYS A 272 -22.54 -0.46 3.66
C LYS A 272 -23.54 -1.14 4.59
N PHE A 273 -23.82 -2.42 4.32
CA PHE A 273 -24.79 -3.20 5.10
C PHE A 273 -24.14 -4.02 6.22
N THR A 274 -23.10 -4.76 5.87
CA THR A 274 -22.57 -5.82 6.72
C THR A 274 -21.51 -5.35 7.72
N ARG A 275 -21.43 -6.04 8.87
CA ARG A 275 -20.33 -5.93 9.84
C ARG A 275 -19.26 -6.99 9.53
N ILE A 276 -18.01 -6.73 9.90
CA ILE A 276 -16.91 -7.69 9.67
C ILE A 276 -17.20 -9.05 10.32
N ALA A 277 -17.74 -9.01 11.54
CA ALA A 277 -18.15 -10.23 12.27
C ALA A 277 -19.18 -11.09 11.51
N ASP A 278 -20.06 -10.46 10.74
CA ASP A 278 -21.13 -11.15 9.99
C ASP A 278 -20.74 -11.60 8.56
N VAL A 279 -19.48 -11.39 8.14
CA VAL A 279 -19.07 -11.73 6.77
C VAL A 279 -19.09 -13.24 6.51
N ILE A 280 -19.66 -13.60 5.36
CA ILE A 280 -19.78 -15.00 4.93
C ILE A 280 -19.10 -15.19 3.58
N PRO A 281 -18.67 -16.43 3.27
CA PRO A 281 -17.99 -16.67 2.01
C PRO A 281 -18.95 -16.99 0.88
N GLN A 282 -18.44 -16.93 -0.35
CA GLN A 282 -19.05 -17.64 -1.49
C GLN A 282 -18.50 -19.06 -1.53
N THR A 283 -19.38 -20.05 -1.71
CA THR A 283 -18.95 -21.44 -1.62
C THR A 283 -19.50 -22.26 -2.81
N LYS A 284 -18.62 -23.12 -3.35
CA LYS A 284 -19.02 -24.12 -4.35
C LYS A 284 -18.29 -25.43 -4.04
N GLY A 285 -19.05 -26.46 -3.64
CA GLY A 285 -18.46 -27.73 -3.24
C GLY A 285 -17.48 -27.58 -2.08
N ASN A 286 -16.24 -28.03 -2.29
CA ASN A 286 -15.19 -28.00 -1.25
C ASN A 286 -14.28 -26.73 -1.30
N ILE A 287 -14.77 -25.66 -1.94
CA ILE A 287 -14.06 -24.37 -2.07
C ILE A 287 -14.93 -23.23 -1.50
N SER A 288 -14.32 -22.44 -0.61
CA SER A 288 -14.95 -21.23 -0.05
C SER A 288 -14.02 -20.03 -0.24
N ILE A 289 -14.59 -18.88 -0.63
CA ILE A 289 -13.83 -17.63 -0.90
C ILE A 289 -14.38 -16.48 -0.04
N TYR A 290 -13.53 -15.90 0.81
CA TYR A 290 -13.87 -14.74 1.63
C TYR A 290 -13.27 -13.46 1.04
N GLY A 291 -14.12 -12.46 0.81
CA GLY A 291 -13.66 -11.09 0.50
C GLY A 291 -13.54 -10.34 1.82
N ILE A 292 -12.33 -9.89 2.16
CA ILE A 292 -12.10 -9.19 3.43
C ILE A 292 -11.63 -7.74 3.17
N PRO A 293 -12.22 -6.77 3.89
CA PRO A 293 -11.99 -5.34 3.58
C PRO A 293 -10.72 -4.79 4.26
N TYR A 294 -9.57 -5.30 3.84
CA TYR A 294 -8.28 -4.87 4.37
C TYR A 294 -7.80 -3.68 3.52
N SER A 295 -7.89 -2.47 4.07
CA SER A 295 -7.48 -1.26 3.32
C SER A 295 -6.13 -0.70 3.75
N GLU A 296 -5.33 -0.31 2.75
CA GLU A 296 -4.11 0.51 2.95
C GLU A 296 -4.30 1.98 2.52
N HIS A 297 -5.56 2.43 2.40
CA HIS A 297 -5.89 3.86 2.23
C HIS A 297 -6.80 4.35 3.37
N SER A 298 -6.75 5.66 3.65
CA SER A 298 -7.62 6.29 4.67
C SER A 298 -9.10 6.01 4.40
N SER A 299 -9.86 5.69 5.44
CA SER A 299 -11.32 5.85 5.37
C SER A 299 -11.67 7.34 5.28
N TYR A 300 -12.93 7.64 4.93
CA TYR A 300 -13.39 9.04 4.94
C TYR A 300 -13.11 9.71 6.32
N LEU A 301 -13.49 9.02 7.40
CA LEU A 301 -13.35 9.61 8.74
C LEU A 301 -11.86 9.82 9.14
N GLU A 302 -11.00 8.87 8.78
CA GLU A 302 -9.54 8.98 9.07
C GLU A 302 -8.93 10.16 8.31
N MET A 303 -9.31 10.29 7.04
CA MET A 303 -8.86 11.42 6.18
C MET A 303 -9.29 12.80 6.74
N LYS A 304 -10.59 12.88 7.08
CA LYS A 304 -11.17 14.09 7.67
C LYS A 304 -10.43 14.50 8.96
N ARG A 305 -10.19 13.54 9.87
CA ARG A 305 -9.47 13.85 11.13
C ARG A 305 -8.06 14.40 10.87
N PHE A 306 -7.31 13.72 9.99
CA PHE A 306 -5.97 14.17 9.64
C PHE A 306 -5.96 15.61 9.08
N VAL A 307 -6.84 15.90 8.13
CA VAL A 307 -6.86 17.21 7.47
C VAL A 307 -7.28 18.30 8.47
N GLN A 308 -8.29 18.02 9.30
CA GLN A 308 -8.75 19.01 10.31
C GLN A 308 -7.67 19.29 11.37
N TRP A 309 -6.82 18.29 11.66
CA TRP A 309 -5.66 18.50 12.55
C TRP A 309 -4.55 19.34 11.88
N LEU A 310 -4.21 18.99 10.64
CA LEU A 310 -3.14 19.65 9.89
C LEU A 310 -3.46 21.12 9.54
N LYS A 311 -4.74 21.41 9.23
CA LYS A 311 -5.21 22.77 8.90
C LYS A 311 -4.42 23.42 7.74
N PRO A 312 -4.32 22.72 6.58
CA PRO A 312 -3.60 23.27 5.43
C PRO A 312 -4.34 24.48 4.82
N GLN A 313 -3.59 25.42 4.23
CA GLN A 313 -4.22 26.56 3.54
C GLN A 313 -4.83 26.20 2.18
N LYS A 314 -4.27 25.20 1.50
CA LYS A 314 -4.76 24.74 0.20
C LYS A 314 -4.56 23.22 0.08
N ILE A 315 -5.57 22.53 -0.49
CA ILE A 315 -5.52 21.09 -0.75
C ILE A 315 -5.56 20.84 -2.26
N ILE A 316 -4.64 19.99 -2.73
CA ILE A 316 -4.59 19.51 -4.12
C ILE A 316 -4.81 17.98 -4.11
N PRO A 317 -6.01 17.51 -4.53
CA PRO A 317 -6.22 16.05 -4.62
C PRO A 317 -5.31 15.39 -5.68
N THR A 318 -4.89 14.16 -5.41
CA THR A 318 -4.08 13.38 -6.36
C THR A 318 -4.78 12.10 -6.88
N VAL A 319 -6.02 11.84 -6.43
CA VAL A 319 -6.82 10.68 -6.84
C VAL A 319 -8.27 11.12 -7.11
N ASN A 320 -8.89 10.50 -8.10
CA ASN A 320 -10.25 10.85 -8.54
C ASN A 320 -10.28 12.27 -9.16
N VAL A 321 -9.22 12.63 -9.88
CA VAL A 321 -9.08 13.95 -10.47
C VAL A 321 -9.70 14.09 -11.89
N GLY A 322 -10.15 12.99 -12.47
CA GLY A 322 -10.53 12.97 -13.89
C GLY A 322 -11.93 13.41 -14.25
N THR A 323 -12.86 13.50 -13.29
CA THR A 323 -14.25 13.91 -13.60
C THR A 323 -14.66 15.17 -12.86
N TRP A 324 -15.52 15.99 -13.47
CA TRP A 324 -16.00 17.21 -12.82
C TRP A 324 -16.83 16.87 -11.58
N LYS A 325 -17.62 15.80 -11.64
CA LYS A 325 -18.41 15.37 -10.49
C LYS A 325 -17.52 15.04 -9.29
N SER A 326 -16.46 14.26 -9.51
CA SER A 326 -15.53 13.89 -8.43
C SER A 326 -14.85 15.12 -7.85
N ARG A 327 -14.38 16.01 -8.72
CA ARG A 327 -13.68 17.21 -8.27
C ARG A 327 -14.61 18.10 -7.44
N SER A 328 -15.85 18.30 -7.90
CA SER A 328 -16.82 19.13 -7.16
C SER A 328 -17.20 18.53 -5.80
N THR A 329 -17.40 17.21 -5.75
CA THR A 329 -17.73 16.51 -4.50
C THR A 329 -16.59 16.70 -3.47
N MET A 330 -15.35 16.50 -3.88
CA MET A 330 -14.19 16.64 -2.96
C MET A 330 -14.06 18.07 -2.44
N GLU A 331 -14.20 19.05 -3.32
N GLU A 331 -14.19 19.06 -3.31
CA GLU A 331 -14.13 20.46 -2.93
CA GLU A 331 -14.11 20.45 -2.89
C GLU A 331 -15.19 20.86 -1.90
C GLU A 331 -15.17 20.80 -1.84
N LYS A 332 -16.39 20.31 -2.02
CA LYS A 332 -17.47 20.51 -1.04
C LYS A 332 -17.10 19.94 0.34
N TYR A 333 -16.52 18.75 0.37
CA TYR A 333 -16.08 18.16 1.66
C TYR A 333 -14.97 18.99 2.28
N PHE A 334 -14.00 19.44 1.48
CA PHE A 334 -12.90 20.24 2.05
C PHE A 334 -13.45 21.52 2.71
N ARG A 335 -14.43 22.14 2.08
CA ARG A 335 -15.03 23.36 2.65
C ARG A 335 -15.84 23.08 3.90
N GLU A 336 -16.62 21.98 3.92
N GLU A 336 -16.59 21.97 3.91
CA GLU A 336 -17.30 21.56 5.14
CA GLU A 336 -17.30 21.53 5.12
C GLU A 336 -16.28 21.43 6.29
C GLU A 336 -16.36 21.29 6.30
N TRP A 337 -15.19 20.71 6.02
CA TRP A 337 -14.20 20.42 7.07
C TRP A 337 -13.58 21.69 7.64
N LYS A 338 -13.29 22.65 6.76
CA LYS A 338 -12.72 23.95 7.12
C LYS A 338 -13.70 24.78 7.97
N LEU A 339 -14.96 24.84 7.57
CA LEU A 339 -16.01 25.59 8.31
C LEU A 339 -16.29 24.97 9.68
N GLU A 340 -16.30 23.64 9.77
CA GLU A 340 -16.53 22.96 11.04
C GLU A 340 -15.40 23.22 12.06
N ALA A 341 -14.15 23.15 11.60
CA ALA A 341 -12.98 23.26 12.48
C ALA A 341 -12.50 24.70 12.67
N GLY A 342 -12.85 25.62 11.77
CA GLY A 342 -12.57 27.07 11.96
C GLY A 342 -11.24 27.60 11.42
N TYR A 343 -10.59 26.86 10.52
CA TYR A 343 -9.32 27.30 9.90
C TYR A 343 -9.53 28.00 8.56
#